data_3A7J
#
_entry.id   3A7J
#
_cell.length_a   47.816
_cell.length_b   53.527
_cell.length_c   60.634
_cell.angle_alpha   90.00
_cell.angle_beta   109.95
_cell.angle_gamma   90.00
#
_symmetry.space_group_name_H-M   'P 1 21 1'
#
loop_
_entity.id
_entity.type
_entity.pdbx_description
1 polymer 'Serine/threonine kinase 24 (STE20 homolog, yeast)'
2 non-polymer "ADENOSINE-5'-DIPHOSPHATE"
3 non-polymer 'MANGANESE (II) ION'
4 water water
#
_entity_poly.entity_id   1
_entity_poly.type   'polypeptide(L)'
_entity_poly.pdbx_seq_one_letter_code
;MAHSPVQSGLPGMQNLKADPEELFTKLEKIGKGSFGEVFKGIDNRTQKVVAIKIIDLEEAEDEIEDIQQEITVLSQCDSP
YVTKYYGSYLKDTKLWIIMEYLGGGSALDLLEPGPLDETQIATILREILKGLDYLHSEKKIHRDIKAANVLLSEHGEVKL
ADFGVAGQLTDTQIKRN(TPO)FVGTPFWMAPEVIKQSAYDSKADIWSLGITAIELARGEPPHSELHPMKVLFLIPKNNP
PTLEGNYSKPLKEFVEACLNKEPSFRPTAKELLKHKFILRNAKKTSYLTELIDRYKRWKAEQSHDDS
;
_entity_poly.pdbx_strand_id   A
#
loop_
_chem_comp.id
_chem_comp.type
_chem_comp.name
_chem_comp.formula
ADP non-polymer ADENOSINE-5'-DIPHOSPHATE 'C10 H15 N5 O10 P2'
MN non-polymer 'MANGANESE (II) ION' 'Mn 2'
#
# COMPACT_ATOMS: atom_id res chain seq x y z
N MET A 13 -22.65 0.87 -6.89
CA MET A 13 -22.13 -0.05 -7.93
C MET A 13 -23.07 -1.24 -8.14
N GLN A 14 -23.03 -1.80 -9.36
CA GLN A 14 -23.87 -2.92 -9.80
C GLN A 14 -24.10 -4.10 -8.87
N ASN A 15 -23.05 -4.55 -8.17
CA ASN A 15 -23.20 -5.71 -7.30
C ASN A 15 -23.29 -5.44 -5.82
N LEU A 16 -23.68 -4.22 -5.49
CA LEU A 16 -23.89 -3.83 -4.09
C LEU A 16 -24.95 -4.78 -3.52
N LYS A 17 -24.73 -5.26 -2.29
CA LYS A 17 -25.62 -6.21 -1.65
C LYS A 17 -26.23 -5.51 -0.46
N ALA A 18 -27.16 -6.22 0.20
CA ALA A 18 -27.87 -5.74 1.40
C ALA A 18 -27.86 -6.79 2.51
N ASP A 19 -28.27 -6.37 3.71
CA ASP A 19 -28.41 -7.24 4.87
C ASP A 19 -27.15 -8.05 5.11
N PRO A 20 -26.04 -7.37 5.38
CA PRO A 20 -24.77 -8.09 5.61
C PRO A 20 -24.78 -9.00 6.81
N GLU A 21 -25.56 -8.69 7.82
CA GLU A 21 -25.56 -9.53 9.03
C GLU A 21 -26.25 -10.85 8.82
N GLU A 22 -26.82 -11.01 7.65
CA GLU A 22 -27.41 -12.28 7.33
C GLU A 22 -26.28 -13.27 7.10
N LEU A 23 -25.13 -12.75 6.64
CA LEU A 23 -24.01 -13.62 6.24
C LEU A 23 -22.75 -13.41 7.06
N PHE A 24 -22.65 -12.26 7.74
CA PHE A 24 -21.44 -11.96 8.50
C PHE A 24 -21.76 -11.43 9.84
N THR A 25 -20.83 -11.56 10.78
CA THR A 25 -21.01 -11.01 12.11
C THR A 25 -19.83 -10.04 12.34
N LYS A 26 -20.16 -8.82 12.80
CA LYS A 26 -19.16 -7.82 13.04
C LYS A 26 -18.56 -8.02 14.42
N LEU A 27 -17.23 -8.03 14.51
CA LEU A 27 -16.54 -8.26 15.77
C LEU A 27 -15.83 -6.99 16.21
N GLU A 28 -14.67 -7.10 16.81
CA GLU A 28 -13.98 -5.92 17.35
C GLU A 28 -13.28 -4.98 16.36
N LYS A 29 -13.11 -3.71 16.74
CA LYS A 29 -12.44 -2.71 15.91
C LYS A 29 -10.95 -3.03 15.80
N ILE A 30 -10.39 -2.95 14.59
CA ILE A 30 -8.97 -3.26 14.44
C ILE A 30 -8.17 -2.18 13.76
N GLY A 31 -8.85 -1.16 13.27
CA GLY A 31 -8.14 -0.09 12.59
C GLY A 31 -9.01 1.10 12.31
N LYS A 32 -8.33 2.19 11.98
CA LYS A 32 -8.98 3.44 11.63
C LYS A 32 -8.22 3.95 10.41
N GLY A 33 -8.94 4.25 9.35
CA GLY A 33 -8.26 4.76 8.18
C GLY A 33 -8.43 6.27 8.16
N SER A 34 -8.36 6.84 6.98
CA SER A 34 -8.53 8.26 6.79
C SER A 34 -9.99 8.63 7.07
N PHE A 35 -10.90 7.87 6.47
CA PHE A 35 -12.30 8.19 6.65
C PHE A 35 -13.12 7.21 7.52
N GLY A 36 -13.05 5.92 7.23
CA GLY A 36 -13.84 4.95 8.00
C GLY A 36 -13.13 4.04 9.00
N GLU A 37 -13.93 3.25 9.74
CA GLU A 37 -13.44 2.30 10.74
C GLU A 37 -13.38 0.88 10.22
N VAL A 38 -12.39 0.13 10.67
CA VAL A 38 -12.19 -1.25 10.21
C VAL A 38 -12.35 -2.18 11.38
N PHE A 39 -13.13 -3.24 11.14
CA PHE A 39 -13.45 -4.19 12.17
C PHE A 39 -13.09 -5.59 11.74
N LYS A 40 -12.84 -6.44 12.73
CA LYS A 40 -12.65 -7.86 12.45
C LYS A 40 -14.12 -8.35 12.25
N GLY A 41 -14.34 -9.39 11.44
CA GLY A 41 -15.68 -9.93 11.31
C GLY A 41 -15.53 -11.41 11.03
N ILE A 42 -16.63 -12.09 10.89
CA ILE A 42 -16.51 -13.52 10.62
C ILE A 42 -17.63 -13.94 9.70
N ASP A 43 -17.28 -14.81 8.74
CA ASP A 43 -18.29 -15.39 7.82
C ASP A 43 -19.10 -16.38 8.67
N ASN A 44 -20.41 -16.20 8.75
CA ASN A 44 -21.24 -17.04 9.58
C ASN A 44 -21.32 -18.49 9.12
N ARG A 45 -21.06 -18.73 7.83
CA ARG A 45 -21.19 -20.11 7.30
C ARG A 45 -19.84 -20.85 7.42
N THR A 46 -18.76 -20.22 7.01
CA THR A 46 -17.48 -20.95 7.05
C THR A 46 -16.72 -20.71 8.35
N GLN A 47 -17.13 -19.70 9.11
CA GLN A 47 -16.43 -19.31 10.35
C GLN A 47 -15.04 -18.77 10.04
N LYS A 48 -14.83 -18.31 8.82
CA LYS A 48 -13.54 -17.70 8.43
C LYS A 48 -13.56 -16.23 8.85
N VAL A 49 -12.51 -15.78 9.53
CA VAL A 49 -12.43 -14.38 9.95
C VAL A 49 -12.10 -13.51 8.74
N VAL A 50 -12.74 -12.33 8.66
CA VAL A 50 -12.56 -11.37 7.57
C VAL A 50 -12.36 -9.98 8.15
N ALA A 51 -12.08 -9.01 7.31
CA ALA A 51 -12.04 -7.60 7.77
C ALA A 51 -13.23 -6.87 7.17
N ILE A 52 -13.82 -5.95 7.92
CA ILE A 52 -14.97 -5.19 7.43
C ILE A 52 -14.64 -3.71 7.58
N LYS A 53 -14.59 -2.98 6.48
CA LYS A 53 -14.33 -1.54 6.61
C LYS A 53 -15.76 -0.93 6.56
N ILE A 54 -16.15 -0.14 7.56
CA ILE A 54 -17.48 0.43 7.60
C ILE A 54 -17.37 1.92 7.36
N ILE A 55 -18.16 2.40 6.39
CA ILE A 55 -18.15 3.80 5.99
C ILE A 55 -19.50 4.40 6.21
N ASP A 56 -19.54 5.54 6.89
CA ASP A 56 -20.80 6.22 7.10
C ASP A 56 -20.93 7.21 5.94
N LEU A 57 -21.85 6.95 5.03
CA LEU A 57 -22.04 7.78 3.85
C LEU A 57 -22.71 9.08 4.24
N GLU A 58 -23.38 9.07 5.39
CA GLU A 58 -24.05 10.28 5.87
C GLU A 58 -22.98 11.29 6.25
N GLU A 59 -21.86 10.77 6.72
CA GLU A 59 -20.73 11.58 7.14
C GLU A 59 -19.93 11.99 5.91
N ALA A 60 -19.95 11.10 4.91
CA ALA A 60 -19.23 11.31 3.66
C ALA A 60 -19.50 12.64 2.96
N GLU A 61 -18.43 13.38 2.72
CA GLU A 61 -18.52 14.68 2.05
C GLU A 61 -18.05 14.62 0.63
N ASP A 62 -16.78 14.94 0.41
CA ASP A 62 -16.26 14.90 -0.93
C ASP A 62 -15.23 13.78 -1.06
N GLU A 63 -15.38 12.76 -0.22
CA GLU A 63 -14.49 11.61 -0.25
C GLU A 63 -15.28 10.45 -0.88
N ILE A 64 -16.55 10.69 -1.17
CA ILE A 64 -17.41 9.66 -1.77
C ILE A 64 -16.86 9.10 -3.08
N GLU A 65 -16.22 9.94 -3.88
CA GLU A 65 -15.63 9.52 -5.15
C GLU A 65 -14.64 8.39 -4.87
N ASP A 66 -13.85 8.61 -3.86
CA ASP A 66 -12.82 7.64 -3.49
C ASP A 66 -13.42 6.32 -2.98
N ILE A 67 -14.58 6.36 -2.33
CA ILE A 67 -15.21 5.12 -1.86
C ILE A 67 -15.65 4.29 -3.05
N GLN A 68 -16.26 4.93 -4.05
CA GLN A 68 -16.67 4.16 -5.22
C GLN A 68 -15.44 3.59 -5.97
N GLN A 69 -14.36 4.36 -6.03
CA GLN A 69 -13.17 3.89 -6.74
C GLN A 69 -12.56 2.72 -5.98
N GLU A 70 -12.55 2.80 -4.65
CA GLU A 70 -11.97 1.70 -3.86
C GLU A 70 -12.74 0.41 -4.13
N ILE A 71 -14.07 0.46 -4.06
CA ILE A 71 -14.84 -0.76 -4.33
C ILE A 71 -14.66 -1.23 -5.73
N THR A 72 -14.68 -0.32 -6.71
CA THR A 72 -14.49 -0.74 -8.08
C THR A 72 -13.16 -1.46 -8.28
N VAL A 73 -12.11 -0.82 -7.82
CA VAL A 73 -10.78 -1.41 -8.00
C VAL A 73 -10.62 -2.74 -7.27
N LEU A 74 -11.05 -2.82 -6.02
CA LEU A 74 -10.93 -4.07 -5.26
C LEU A 74 -11.67 -5.21 -5.92
N SER A 75 -12.83 -4.86 -6.45
CA SER A 75 -13.68 -5.88 -7.07
C SER A 75 -13.10 -6.45 -8.33
N GLN A 76 -12.23 -5.67 -8.98
CA GLN A 76 -11.58 -6.07 -10.21
C GLN A 76 -10.22 -6.74 -10.03
N CYS A 77 -9.74 -6.78 -8.80
CA CYS A 77 -8.44 -7.42 -8.60
C CYS A 77 -8.60 -8.82 -8.08
N ASP A 78 -7.73 -9.71 -8.56
CA ASP A 78 -7.75 -11.10 -8.09
C ASP A 78 -6.30 -11.52 -8.07
N SER A 79 -5.63 -11.23 -6.94
CA SER A 79 -4.20 -11.53 -6.83
C SER A 79 -3.86 -11.84 -5.39
N PRO A 80 -2.88 -12.72 -5.15
CA PRO A 80 -2.48 -13.05 -3.78
C PRO A 80 -1.78 -11.81 -3.15
N TYR A 81 -1.46 -10.84 -3.99
CA TYR A 81 -0.72 -9.67 -3.49
C TYR A 81 -1.57 -8.44 -3.31
N VAL A 82 -2.89 -8.58 -3.44
CA VAL A 82 -3.84 -7.47 -3.24
C VAL A 82 -4.92 -7.98 -2.30
N THR A 83 -5.28 -7.20 -1.28
CA THR A 83 -6.32 -7.59 -0.32
C THR A 83 -7.55 -8.06 -1.09
N LYS A 84 -7.91 -9.31 -0.83
CA LYS A 84 -9.05 -9.93 -1.56
C LYS A 84 -10.36 -9.30 -1.14
N TYR A 85 -11.24 -9.10 -2.12
CA TYR A 85 -12.52 -8.45 -1.87
C TYR A 85 -13.61 -9.52 -1.84
N TYR A 86 -14.50 -9.41 -0.86
CA TYR A 86 -15.61 -10.37 -0.73
C TYR A 86 -16.92 -9.77 -1.17
N GLY A 87 -17.08 -8.45 -1.04
CA GLY A 87 -18.31 -7.80 -1.49
C GLY A 87 -18.56 -6.55 -0.68
N SER A 88 -19.50 -5.73 -1.15
CA SER A 88 -19.88 -4.48 -0.51
C SER A 88 -21.38 -4.56 -0.21
N TYR A 89 -21.74 -4.05 0.96
CA TYR A 89 -23.09 -4.14 1.46
C TYR A 89 -23.56 -2.83 1.99
N LEU A 90 -24.83 -2.54 1.71
CA LEU A 90 -25.42 -1.32 2.22
C LEU A 90 -26.21 -1.67 3.48
N LYS A 91 -26.03 -0.88 4.53
CA LYS A 91 -26.73 -1.13 5.81
C LYS A 91 -27.12 0.22 6.39
N ASP A 92 -28.36 0.63 6.15
CA ASP A 92 -28.80 1.93 6.63
C ASP A 92 -27.90 3.03 6.04
N THR A 93 -27.35 3.92 6.85
CA THR A 93 -26.48 4.93 6.24
C THR A 93 -25.05 4.44 6.10
N LYS A 94 -24.79 3.14 6.24
CA LYS A 94 -23.41 2.72 6.16
C LYS A 94 -23.12 1.75 5.04
N LEU A 95 -21.87 1.74 4.63
CA LEU A 95 -21.44 0.81 3.62
C LEU A 95 -20.43 -0.09 4.29
N TRP A 96 -20.62 -1.39 4.11
CA TRP A 96 -19.65 -2.36 4.64
C TRP A 96 -18.86 -2.90 3.47
N ILE A 97 -17.53 -2.79 3.53
CA ILE A 97 -16.69 -3.37 2.49
C ILE A 97 -16.03 -4.57 3.16
N ILE A 98 -16.29 -5.77 2.68
CA ILE A 98 -15.74 -6.98 3.31
C ILE A 98 -14.57 -7.47 2.51
N MET A 99 -13.45 -7.71 3.22
CA MET A 99 -12.17 -8.11 2.63
C MET A 99 -11.47 -9.17 3.46
N GLU A 100 -10.40 -9.68 2.84
CA GLU A 100 -9.50 -10.57 3.48
C GLU A 100 -8.97 -9.91 4.81
N TYR A 101 -8.90 -10.69 5.88
CA TYR A 101 -8.34 -10.19 7.13
C TYR A 101 -6.81 -10.41 7.11
N LEU A 102 -6.08 -9.35 7.42
CA LEU A 102 -4.61 -9.46 7.49
C LEU A 102 -4.22 -8.99 8.90
N GLY A 103 -3.85 -9.95 9.75
CA GLY A 103 -3.58 -9.67 11.15
C GLY A 103 -2.15 -9.46 11.62
N GLY A 104 -1.23 -9.27 10.70
CA GLY A 104 0.18 -9.11 11.09
C GLY A 104 0.65 -7.70 11.35
N GLY A 105 -0.09 -6.70 10.88
CA GLY A 105 0.31 -5.29 11.06
C GLY A 105 0.76 -4.78 9.70
N SER A 106 0.77 -3.47 9.54
CA SER A 106 1.26 -2.94 8.27
C SER A 106 2.78 -2.88 8.37
N ALA A 107 3.46 -2.69 7.24
CA ALA A 107 4.91 -2.59 7.26
C ALA A 107 5.30 -1.39 8.15
N LEU A 108 4.51 -0.29 8.12
CA LEU A 108 4.80 0.86 8.98
C LEU A 108 4.70 0.44 10.45
N ASP A 109 3.67 -0.29 10.80
CA ASP A 109 3.56 -0.73 12.21
C ASP A 109 4.81 -1.53 12.60
N LEU A 110 5.27 -2.40 11.72
CA LEU A 110 6.35 -3.32 12.02
C LEU A 110 7.70 -2.63 12.17
N LEU A 111 7.76 -1.35 11.75
CA LEU A 111 8.98 -0.55 11.89
C LEU A 111 9.07 0.07 13.28
N GLU A 112 7.96 0.10 14.01
CA GLU A 112 8.00 0.76 15.32
C GLU A 112 8.98 0.24 16.34
N PRO A 113 9.14 -1.07 16.47
CA PRO A 113 10.09 -1.60 17.47
C PRO A 113 11.55 -1.36 17.22
N GLY A 114 11.91 -1.09 15.96
CA GLY A 114 13.30 -0.97 15.66
C GLY A 114 13.52 -1.18 14.15
N PRO A 115 14.74 -1.03 13.68
CA PRO A 115 15.02 -1.17 12.25
C PRO A 115 14.90 -2.55 11.70
N LEU A 116 14.70 -2.60 10.39
CA LEU A 116 14.68 -3.87 9.69
C LEU A 116 16.08 -4.24 9.23
N ASP A 117 16.32 -5.51 8.98
CA ASP A 117 17.61 -5.84 8.39
C ASP A 117 17.39 -5.95 6.86
N GLU A 118 18.46 -6.00 6.09
CA GLU A 118 18.32 -6.00 4.65
C GLU A 118 17.57 -7.19 4.12
N THR A 119 17.61 -8.34 4.78
CA THR A 119 16.85 -9.49 4.31
C THR A 119 15.36 -9.17 4.45
N GLN A 120 14.98 -8.57 5.58
CA GLN A 120 13.57 -8.17 5.77
C GLN A 120 13.18 -7.13 4.75
N ILE A 121 14.02 -6.13 4.51
CA ILE A 121 13.69 -5.10 3.51
C ILE A 121 13.53 -5.71 2.15
N ALA A 122 14.47 -6.56 1.72
CA ALA A 122 14.33 -7.18 0.39
C ALA A 122 13.12 -8.11 0.27
N THR A 123 12.78 -8.80 1.35
CA THR A 123 11.64 -9.71 1.27
C THR A 123 10.35 -8.89 1.12
N ILE A 124 10.20 -7.82 1.92
CA ILE A 124 8.97 -7.01 1.84
C ILE A 124 8.95 -6.31 0.48
N LEU A 125 10.04 -5.74 0.00
CA LEU A 125 10.06 -5.11 -1.32
C LEU A 125 9.69 -6.07 -2.43
N ARG A 126 10.17 -7.29 -2.34
CA ARG A 126 9.89 -8.29 -3.40
C ARG A 126 8.39 -8.55 -3.46
N GLU A 127 7.75 -8.69 -2.30
CA GLU A 127 6.26 -8.93 -2.33
C GLU A 127 5.52 -7.70 -2.84
N ILE A 128 5.97 -6.53 -2.45
CA ILE A 128 5.28 -5.31 -2.94
C ILE A 128 5.43 -5.25 -4.46
N LEU A 129 6.59 -5.59 -5.00
CA LEU A 129 6.84 -5.57 -6.43
C LEU A 129 5.92 -6.58 -7.16
N LYS A 130 5.68 -7.73 -6.52
CA LYS A 130 4.75 -8.70 -7.18
C LYS A 130 3.37 -8.08 -7.22
N GLY A 131 2.97 -7.36 -6.19
CA GLY A 131 1.66 -6.68 -6.22
C GLY A 131 1.67 -5.59 -7.30
N LEU A 132 2.73 -4.78 -7.38
CA LEU A 132 2.78 -3.74 -8.39
C LEU A 132 2.78 -4.32 -9.79
N ASP A 133 3.48 -5.46 -9.99
CA ASP A 133 3.48 -5.99 -11.33
C ASP A 133 2.06 -6.42 -11.68
N TYR A 134 1.38 -7.02 -10.72
CA TYR A 134 -0.03 -7.42 -11.01
C TYR A 134 -0.85 -6.21 -11.36
N LEU A 135 -0.80 -5.18 -10.52
CA LEU A 135 -1.62 -4.01 -10.79
C LEU A 135 -1.31 -3.36 -12.11
N HIS A 136 -0.03 -3.17 -12.39
CA HIS A 136 0.37 -2.50 -13.64
C HIS A 136 -0.04 -3.34 -14.86
N SER A 137 -0.01 -4.65 -14.71
CA SER A 137 -0.40 -5.52 -15.85
C SER A 137 -1.91 -5.37 -16.10
N GLU A 138 -2.66 -4.99 -15.06
CA GLU A 138 -4.10 -4.73 -15.18
C GLU A 138 -4.42 -3.29 -15.53
N LYS A 139 -3.38 -2.54 -15.91
CA LYS A 139 -3.46 -1.14 -16.25
C LYS A 139 -3.92 -0.26 -15.09
N LYS A 140 -3.66 -0.70 -13.85
CA LYS A 140 -4.04 0.04 -12.67
C LYS A 140 -2.79 0.65 -12.06
N ILE A 141 -2.92 1.82 -11.46
CA ILE A 141 -1.77 2.49 -10.78
C ILE A 141 -2.31 2.70 -9.35
N HIS A 142 -1.57 2.29 -8.31
CA HIS A 142 -2.04 2.42 -6.96
C HIS A 142 -2.11 3.86 -6.48
N ARG A 143 -1.05 4.60 -6.80
CA ARG A 143 -0.87 6.00 -6.47
C ARG A 143 -0.70 6.37 -5.00
N ASP A 144 -0.73 5.40 -4.08
CA ASP A 144 -0.53 5.74 -2.66
C ASP A 144 0.32 4.64 -1.99
N ILE A 145 1.36 4.28 -2.72
CA ILE A 145 2.27 3.23 -2.19
C ILE A 145 3.14 3.87 -1.07
N LYS A 146 3.11 3.25 0.09
CA LYS A 146 3.93 3.69 1.27
C LYS A 146 3.80 2.57 2.27
N ALA A 147 4.67 2.53 3.28
CA ALA A 147 4.62 1.39 4.19
C ALA A 147 3.32 1.20 4.92
N ALA A 148 2.58 2.27 5.14
CA ALA A 148 1.32 2.18 5.86
C ALA A 148 0.25 1.44 5.06
N ASN A 149 0.52 1.31 3.76
CA ASN A 149 -0.50 0.62 2.89
C ASN A 149 -0.05 -0.73 2.43
N VAL A 150 0.94 -1.25 3.12
CA VAL A 150 1.44 -2.60 2.86
C VAL A 150 1.07 -3.39 4.09
N LEU A 151 0.12 -4.35 3.98
CA LEU A 151 -0.38 -5.07 5.12
C LEU A 151 0.13 -6.51 5.10
N LEU A 152 0.47 -7.04 6.28
CA LEU A 152 0.96 -8.41 6.36
C LEU A 152 -0.01 -9.28 7.12
N SER A 153 -0.04 -10.55 6.71
CA SER A 153 -0.84 -11.51 7.50
C SER A 153 -0.02 -11.92 8.73
N GLU A 154 -0.65 -12.63 9.66
CA GLU A 154 0.08 -13.03 10.84
C GLU A 154 1.14 -14.05 10.50
N HIS A 155 1.05 -14.63 9.31
CA HIS A 155 2.02 -15.62 8.93
C HIS A 155 3.11 -15.09 7.98
N GLY A 156 3.09 -13.78 7.72
CA GLY A 156 4.14 -13.22 6.90
C GLY A 156 3.83 -12.84 5.46
N GLU A 157 2.63 -13.15 4.96
CA GLU A 157 2.38 -12.75 3.61
C GLU A 157 2.19 -11.23 3.56
N VAL A 158 2.50 -10.65 2.40
CA VAL A 158 2.52 -9.17 2.23
C VAL A 158 1.59 -8.77 1.09
N LYS A 159 0.65 -7.86 1.36
CA LYS A 159 -0.34 -7.47 0.36
C LYS A 159 -0.52 -5.98 0.30
N LEU A 160 -0.92 -5.49 -0.85
CA LEU A 160 -1.15 -4.07 -0.96
C LEU A 160 -2.60 -3.77 -0.57
N ALA A 161 -2.79 -2.60 0.04
CA ALA A 161 -4.10 -2.14 0.52
C ALA A 161 -4.31 -0.67 0.21
N ASP A 162 -5.58 -0.24 0.40
CA ASP A 162 -6.01 1.15 0.28
C ASP A 162 -6.03 1.68 -1.12
N PHE A 163 -7.08 1.31 -1.83
CA PHE A 163 -7.22 1.65 -3.26
C PHE A 163 -8.13 2.82 -3.62
N GLY A 164 -8.36 3.67 -2.64
CA GLY A 164 -9.28 4.80 -2.86
C GLY A 164 -8.83 5.81 -3.88
N VAL A 165 -7.53 5.95 -4.08
CA VAL A 165 -7.05 6.90 -5.11
C VAL A 165 -6.36 6.23 -6.29
N ALA A 166 -6.60 4.92 -6.45
CA ALA A 166 -6.01 4.17 -7.54
C ALA A 166 -6.52 4.71 -8.88
N GLY A 167 -5.69 4.59 -9.89
CA GLY A 167 -6.04 5.10 -11.20
C GLY A 167 -6.16 3.95 -12.16
N GLN A 168 -7.01 4.11 -13.19
CA GLN A 168 -7.18 3.06 -14.20
C GLN A 168 -6.85 3.60 -15.60
N LEU A 169 -5.91 2.97 -16.28
CA LEU A 169 -5.57 3.33 -17.65
C LEU A 169 -6.50 2.53 -18.57
N THR A 170 -6.80 3.07 -19.76
CA THR A 170 -7.64 2.32 -20.70
C THR A 170 -6.98 2.32 -22.06
N ASP A 171 -7.62 1.73 -23.07
CA ASP A 171 -7.04 1.70 -24.42
C ASP A 171 -6.76 3.11 -25.00
N THR A 172 -7.57 4.10 -24.60
CA THR A 172 -7.37 5.44 -25.13
C THR A 172 -6.82 6.36 -24.04
N GLN A 173 -7.18 6.14 -22.79
CA GLN A 173 -6.58 7.03 -21.75
C GLN A 173 -5.33 6.31 -21.23
N ILE A 174 -4.20 6.58 -21.89
CA ILE A 174 -2.95 5.88 -21.61
C ILE A 174 -2.13 6.52 -20.52
N LYS A 175 -2.58 7.66 -20.05
CA LYS A 175 -1.92 8.37 -18.94
C LYS A 175 -2.95 8.99 -18.01
N ARG A 176 -2.58 9.22 -16.76
CA ARG A 176 -3.46 9.93 -15.84
C ARG A 176 -2.77 11.24 -15.54
N ASN A 177 -3.50 12.19 -14.97
CA ASN A 177 -2.84 13.43 -14.54
C ASN A 177 -3.30 14.02 -13.22
N TPO A 178 -4.11 13.27 -12.48
CA TPO A 178 -4.64 13.76 -11.22
CB TPO A 178 -5.78 12.87 -10.72
CG2 TPO A 178 -6.42 13.44 -9.47
OG1 TPO A 178 -6.77 12.74 -11.74
P TPO A 178 -7.22 11.32 -12.27
O1P TPO A 178 -6.00 10.61 -12.84
O2P TPO A 178 -8.22 11.65 -13.38
O3P TPO A 178 -7.82 10.53 -11.15
C TPO A 178 -3.62 13.88 -10.14
O TPO A 178 -2.76 13.03 -9.98
N PHE A 179 -3.74 14.94 -9.35
CA PHE A 179 -2.83 15.19 -8.25
C PHE A 179 -3.37 14.43 -7.04
N VAL A 180 -2.86 13.21 -6.81
CA VAL A 180 -3.33 12.42 -5.66
C VAL A 180 -2.13 11.62 -5.13
N GLY A 181 -2.25 11.21 -3.87
CA GLY A 181 -1.18 10.45 -3.23
C GLY A 181 -0.85 11.07 -1.89
N THR A 182 0.29 10.69 -1.29
CA THR A 182 0.69 11.25 0.01
C THR A 182 1.97 11.98 -0.37
N PRO A 183 2.03 13.32 -0.14
CA PRO A 183 3.18 14.11 -0.55
C PRO A 183 4.60 13.58 -0.53
N PHE A 184 5.03 13.09 0.61
CA PHE A 184 6.40 12.62 0.69
C PHE A 184 6.72 11.49 -0.26
N TRP A 185 5.68 10.75 -0.66
CA TRP A 185 5.94 9.58 -1.53
C TRP A 185 5.57 9.85 -2.98
N MET A 186 5.14 11.08 -3.27
CA MET A 186 4.66 11.37 -4.62
C MET A 186 5.73 11.61 -5.64
N ALA A 187 5.56 11.07 -6.85
CA ALA A 187 6.49 11.30 -7.89
C ALA A 187 6.48 12.78 -8.38
N PRO A 188 7.59 13.27 -8.93
CA PRO A 188 7.61 14.67 -9.39
C PRO A 188 6.61 14.94 -10.47
N GLU A 189 6.41 14.01 -11.37
CA GLU A 189 5.46 14.25 -12.46
C GLU A 189 4.03 14.28 -11.95
N VAL A 190 3.75 13.65 -10.80
CA VAL A 190 2.37 13.70 -10.29
C VAL A 190 2.19 15.06 -9.63
N ILE A 191 3.19 15.52 -8.91
CA ILE A 191 3.10 16.82 -8.25
C ILE A 191 2.89 17.94 -9.30
N LYS A 192 3.58 17.82 -10.44
CA LYS A 192 3.46 18.82 -11.51
C LYS A 192 2.18 18.59 -12.31
N GLN A 193 1.45 17.52 -12.03
CA GLN A 193 0.24 17.20 -12.80
C GLN A 193 0.51 17.00 -14.30
N SER A 194 1.69 16.47 -14.62
CA SER A 194 2.05 16.08 -15.97
C SER A 194 1.38 14.73 -16.22
N ALA A 195 1.30 14.32 -17.46
CA ALA A 195 0.72 13.03 -17.81
C ALA A 195 1.64 11.99 -17.18
N TYR A 196 1.09 11.01 -16.49
CA TYR A 196 1.96 9.97 -15.90
C TYR A 196 1.29 8.60 -15.96
N ASP A 197 2.04 7.57 -15.63
CA ASP A 197 1.49 6.22 -15.65
C ASP A 197 2.06 5.39 -14.53
N SER A 198 2.16 4.09 -14.72
CA SER A 198 2.61 3.21 -13.64
C SER A 198 3.99 3.59 -13.14
N LYS A 199 4.80 4.27 -13.95
CA LYS A 199 6.11 4.63 -13.41
C LYS A 199 5.99 5.50 -12.17
N ALA A 200 4.89 6.21 -11.94
CA ALA A 200 4.80 7.01 -10.75
C ALA A 200 4.84 6.10 -9.51
N ASP A 201 4.27 4.89 -9.61
CA ASP A 201 4.31 3.95 -8.46
C ASP A 201 5.74 3.44 -8.21
N ILE A 202 6.56 3.43 -9.23
CA ILE A 202 7.98 2.95 -9.09
C ILE A 202 8.70 4.00 -8.29
N TRP A 203 8.44 5.28 -8.55
CA TRP A 203 9.10 6.32 -7.73
C TRP A 203 8.61 6.12 -6.27
N SER A 204 7.29 6.00 -6.01
CA SER A 204 6.79 5.83 -4.66
C SER A 204 7.41 4.57 -3.99
N LEU A 205 7.68 3.51 -4.80
CA LEU A 205 8.30 2.31 -4.22
C LEU A 205 9.75 2.66 -3.77
N GLY A 206 10.46 3.48 -4.54
CA GLY A 206 11.81 3.88 -4.13
C GLY A 206 11.75 4.64 -2.82
N ILE A 207 10.76 5.52 -2.67
CA ILE A 207 10.63 6.24 -1.41
C ILE A 207 10.29 5.25 -0.30
N THR A 208 9.44 4.26 -0.58
CA THR A 208 9.09 3.25 0.42
C THR A 208 10.32 2.39 0.80
N ALA A 209 11.23 2.18 -0.13
CA ALA A 209 12.48 1.44 0.16
C ALA A 209 13.28 2.24 1.15
N ILE A 210 13.34 3.57 0.94
CA ILE A 210 14.07 4.38 1.95
C ILE A 210 13.34 4.31 3.26
N GLU A 211 12.00 4.40 3.27
CA GLU A 211 11.22 4.33 4.47
C GLU A 211 11.46 3.01 5.23
N LEU A 212 11.57 1.89 4.50
CA LEU A 212 11.77 0.61 5.14
C LEU A 212 13.18 0.54 5.74
N ALA A 213 14.11 1.25 5.10
CA ALA A 213 15.53 1.21 5.58
C ALA A 213 15.78 2.17 6.71
N ARG A 214 15.15 3.35 6.68
CA ARG A 214 15.42 4.42 7.69
C ARG A 214 14.29 4.64 8.68
N GLY A 215 13.09 4.12 8.36
CA GLY A 215 11.93 4.26 9.20
C GLY A 215 11.02 5.42 8.84
N GLU A 216 11.49 6.31 7.96
CA GLU A 216 10.69 7.49 7.55
C GLU A 216 11.10 7.85 6.12
N PRO A 217 10.21 8.51 5.37
CA PRO A 217 10.63 8.90 4.01
C PRO A 217 11.48 10.17 4.05
N PRO A 218 12.13 10.53 2.95
CA PRO A 218 12.93 11.77 2.91
C PRO A 218 12.01 12.92 3.22
N HIS A 219 12.56 13.94 3.86
CA HIS A 219 11.80 15.17 4.19
C HIS A 219 10.70 14.99 5.22
N SER A 220 10.67 13.87 5.93
CA SER A 220 9.56 13.61 6.84
C SER A 220 9.30 14.61 7.95
N GLU A 221 10.29 15.43 8.23
CA GLU A 221 10.11 16.42 9.26
C GLU A 221 9.64 17.76 8.76
N LEU A 222 9.49 17.92 7.45
CA LEU A 222 9.05 19.20 6.89
C LEU A 222 7.57 19.15 6.73
N HIS A 223 6.92 20.31 6.60
CA HIS A 223 5.51 20.34 6.39
C HIS A 223 5.29 19.78 4.97
N PRO A 224 4.21 18.96 4.78
CA PRO A 224 4.03 18.42 3.43
C PRO A 224 3.88 19.45 2.31
N MET A 225 3.41 20.66 2.62
CA MET A 225 3.31 21.63 1.53
C MET A 225 4.69 22.01 1.00
N LYS A 226 5.68 22.00 1.87
CA LYS A 226 7.04 22.35 1.47
C LYS A 226 7.53 21.30 0.46
N VAL A 227 7.24 20.04 0.71
CA VAL A 227 7.74 19.07 -0.26
C VAL A 227 7.20 19.24 -1.66
N LEU A 228 6.09 19.99 -1.82
CA LEU A 228 5.57 20.25 -3.15
C LEU A 228 6.51 21.07 -4.04
N PHE A 229 7.54 21.69 -3.50
CA PHE A 229 8.48 22.33 -4.38
C PHE A 229 9.83 21.65 -4.19
N LEU A 230 10.08 21.05 -3.03
CA LEU A 230 11.35 20.38 -2.84
C LEU A 230 11.44 19.20 -3.79
N ILE A 231 10.34 18.46 -3.97
CA ILE A 231 10.43 17.30 -4.83
C ILE A 231 10.76 17.50 -6.31
N PRO A 232 10.07 18.39 -7.00
CA PRO A 232 10.38 18.60 -8.43
C PRO A 232 11.73 19.25 -8.68
N LYS A 233 12.09 20.12 -7.76
CA LYS A 233 13.30 20.91 -7.87
C LYS A 233 14.55 20.21 -7.41
N ASN A 234 14.46 19.54 -6.28
CA ASN A 234 15.65 18.91 -5.74
C ASN A 234 16.08 17.70 -6.54
N ASN A 235 17.32 17.33 -6.32
CA ASN A 235 17.80 16.09 -6.87
C ASN A 235 17.00 14.99 -6.20
N PRO A 236 16.89 13.83 -6.87
CA PRO A 236 16.12 12.77 -6.17
C PRO A 236 16.77 12.33 -4.88
N PRO A 237 16.00 11.84 -3.93
CA PRO A 237 16.59 11.35 -2.64
C PRO A 237 17.51 10.18 -2.93
N THR A 238 18.48 9.98 -2.04
CA THR A 238 19.36 8.83 -2.14
C THR A 238 19.40 8.21 -0.76
N LEU A 239 19.89 6.98 -0.68
CA LEU A 239 20.03 6.29 0.60
C LEU A 239 21.53 6.36 0.97
N GLU A 240 21.85 7.01 2.11
CA GLU A 240 23.23 7.12 2.51
C GLU A 240 23.40 6.36 3.80
N GLY A 241 24.59 5.85 4.08
CA GLY A 241 24.74 5.20 5.36
C GLY A 241 25.23 3.79 5.26
N ASN A 242 25.06 3.01 6.32
CA ASN A 242 25.56 1.67 6.29
C ASN A 242 24.59 0.70 5.69
N TYR A 243 24.39 0.94 4.41
CA TYR A 243 23.53 0.06 3.64
C TYR A 243 24.33 -0.50 2.51
N SER A 244 24.06 -1.75 2.16
CA SER A 244 24.82 -2.35 1.07
C SER A 244 24.70 -1.60 -0.24
N LYS A 245 25.72 -1.61 -1.10
CA LYS A 245 25.61 -0.85 -2.35
C LYS A 245 24.41 -1.28 -3.18
N PRO A 246 24.12 -2.58 -3.27
CA PRO A 246 22.95 -2.92 -4.09
C PRO A 246 21.65 -2.30 -3.58
N LEU A 247 21.47 -2.15 -2.26
CA LEU A 247 20.21 -1.51 -1.76
C LEU A 247 20.26 -0.05 -2.20
N LYS A 248 21.41 0.63 -2.06
CA LYS A 248 21.43 2.00 -2.50
C LYS A 248 21.16 2.12 -4.00
N GLU A 249 21.62 1.14 -4.77
CA GLU A 249 21.41 1.18 -6.23
C GLU A 249 19.94 0.87 -6.57
N PHE A 250 19.30 0.00 -5.78
CA PHE A 250 17.86 -0.29 -5.99
C PHE A 250 17.08 1.03 -5.80
N VAL A 251 17.41 1.78 -4.75
CA VAL A 251 16.73 3.05 -4.50
C VAL A 251 17.01 4.01 -5.66
N GLU A 252 18.26 4.17 -6.09
CA GLU A 252 18.61 5.06 -7.16
C GLU A 252 17.87 4.73 -8.45
N ALA A 253 17.69 3.43 -8.74
CA ALA A 253 17.02 3.05 -10.01
C ALA A 253 15.59 3.55 -10.01
N CYS A 254 14.93 3.39 -8.87
CA CYS A 254 13.54 3.85 -8.77
C CYS A 254 13.43 5.37 -8.78
N LEU A 255 14.34 6.03 -8.09
CA LEU A 255 14.25 7.47 -7.92
C LEU A 255 14.99 8.23 -9.00
N ASN A 256 14.49 8.09 -10.21
CA ASN A 256 14.99 8.83 -11.37
C ASN A 256 13.94 9.88 -11.70
N LYS A 257 14.35 11.13 -11.93
CA LYS A 257 13.34 12.15 -12.24
C LYS A 257 12.62 11.92 -13.56
N GLU A 258 13.27 11.21 -14.49
CA GLU A 258 12.67 10.94 -15.80
C GLU A 258 11.97 9.59 -15.64
N PRO A 259 10.62 9.55 -15.74
CA PRO A 259 9.95 8.27 -15.55
C PRO A 259 10.32 7.15 -16.50
N SER A 260 10.62 7.49 -17.75
CA SER A 260 10.93 6.43 -18.69
C SER A 260 12.25 5.77 -18.37
N PHE A 261 13.06 6.38 -17.50
CA PHE A 261 14.34 5.74 -17.12
C PHE A 261 14.19 4.85 -15.86
N ARG A 262 13.03 4.87 -15.24
CA ARG A 262 12.84 3.98 -14.09
C ARG A 262 12.49 2.59 -14.64
N PRO A 263 12.93 1.55 -13.95
CA PRO A 263 12.61 0.19 -14.39
C PRO A 263 11.17 -0.14 -14.05
N THR A 264 10.65 -1.18 -14.69
CA THR A 264 9.33 -1.62 -14.34
C THR A 264 9.36 -2.49 -13.06
N ALA A 265 8.21 -2.78 -12.47
CA ALA A 265 8.22 -3.68 -11.29
C ALA A 265 8.78 -5.07 -11.64
N LYS A 266 8.45 -5.56 -12.83
CA LYS A 266 8.95 -6.86 -13.22
C LYS A 266 10.49 -6.86 -13.30
N GLU A 267 11.07 -5.78 -13.83
CA GLU A 267 12.53 -5.71 -13.96
C GLU A 267 13.14 -5.66 -12.54
N LEU A 268 12.49 -4.95 -11.63
CA LEU A 268 13.09 -4.81 -10.28
C LEU A 268 13.06 -6.13 -9.51
N LEU A 269 12.13 -7.02 -9.86
CA LEU A 269 12.11 -8.32 -9.20
C LEU A 269 13.43 -9.05 -9.46
N LYS A 270 14.17 -8.69 -10.53
CA LYS A 270 15.46 -9.35 -10.79
C LYS A 270 16.65 -8.47 -10.37
N HIS A 271 16.41 -7.38 -9.63
CA HIS A 271 17.52 -6.56 -9.23
C HIS A 271 18.42 -7.37 -8.26
N LYS A 272 19.73 -7.10 -8.33
CA LYS A 272 20.66 -7.83 -7.48
C LYS A 272 20.32 -7.72 -6.00
N PHE A 273 19.82 -6.55 -5.56
CA PHE A 273 19.45 -6.45 -4.15
C PHE A 273 18.37 -7.45 -3.74
N ILE A 274 17.35 -7.61 -4.60
CA ILE A 274 16.28 -8.51 -4.29
C ILE A 274 16.79 -9.98 -4.38
N LEU A 275 17.49 -10.27 -5.45
CA LEU A 275 17.94 -11.65 -5.63
C LEU A 275 18.91 -12.12 -4.55
N ARG A 276 19.79 -11.25 -4.10
CA ARG A 276 20.76 -11.71 -3.12
C ARG A 276 20.33 -11.64 -1.68
N ASN A 277 19.20 -10.98 -1.39
CA ASN A 277 18.77 -10.79 0.00
C ASN A 277 17.39 -11.28 0.39
N ALA A 278 16.45 -11.32 -0.58
CA ALA A 278 15.13 -11.77 -0.23
C ALA A 278 15.09 -13.26 0.15
N LYS A 279 14.30 -13.57 1.14
CA LYS A 279 14.15 -14.95 1.60
C LYS A 279 12.66 -15.27 1.73
N LYS A 280 12.35 -16.45 2.25
CA LYS A 280 10.94 -16.81 2.39
C LYS A 280 10.13 -15.83 3.22
N THR A 281 8.86 -15.62 2.82
CA THR A 281 8.01 -14.71 3.60
C THR A 281 7.74 -15.22 4.99
N SER A 282 7.77 -16.54 5.21
CA SER A 282 7.53 -17.06 6.55
C SER A 282 8.51 -16.51 7.59
N TYR A 283 9.74 -16.14 7.19
CA TYR A 283 10.68 -15.59 8.17
C TYR A 283 10.17 -14.29 8.75
N LEU A 284 9.25 -13.63 8.03
CA LEU A 284 8.72 -12.37 8.53
C LEU A 284 7.88 -12.54 9.79
N THR A 285 7.53 -13.77 10.18
CA THR A 285 6.79 -13.95 11.42
C THR A 285 7.65 -13.46 12.61
N GLU A 286 8.99 -13.52 12.51
CA GLU A 286 9.80 -13.03 13.63
C GLU A 286 9.57 -11.53 13.79
N LEU A 287 9.39 -10.84 12.69
CA LEU A 287 9.12 -9.40 12.75
C LEU A 287 7.71 -9.14 13.31
N ILE A 288 6.75 -9.96 12.90
CA ILE A 288 5.40 -9.84 13.41
C ILE A 288 5.36 -10.11 14.94
N ASP A 289 6.07 -11.14 15.39
CA ASP A 289 6.12 -11.44 16.83
C ASP A 289 6.83 -10.29 17.60
N ARG A 290 7.85 -9.68 16.99
CA ARG A 290 8.53 -8.58 17.67
C ARG A 290 7.55 -7.44 17.93
N TYR A 291 6.70 -7.11 16.93
CA TYR A 291 5.71 -6.06 17.12
C TYR A 291 4.69 -6.45 18.19
N LYS A 292 4.29 -7.73 18.23
CA LYS A 292 3.34 -8.12 19.26
C LYS A 292 3.93 -7.94 20.63
N ARG A 293 5.18 -8.36 20.80
CA ARG A 293 5.82 -8.21 22.12
C ARG A 293 5.97 -6.74 22.42
N TRP A 294 6.48 -6.02 21.44
CA TRP A 294 6.69 -4.61 21.64
C TRP A 294 5.44 -3.86 22.07
N LYS A 295 4.35 -4.13 21.40
CA LYS A 295 3.10 -3.48 21.66
C LYS A 295 2.55 -3.81 23.07
N ALA A 296 2.77 -5.04 23.51
CA ALA A 296 2.31 -5.46 24.81
C ALA A 296 3.10 -4.86 25.95
N GLU A 297 4.42 -4.72 25.76
CA GLU A 297 5.30 -4.19 26.81
C GLU A 297 5.28 -2.68 26.86
N GLN A 298 4.69 -2.07 25.83
CA GLN A 298 4.58 -0.63 25.67
C GLN A 298 3.92 0.16 26.80
N SER A 299 4.59 1.24 27.20
CA SER A 299 4.07 2.11 28.26
C SER A 299 3.33 3.31 27.64
PB ADP B . -8.54 4.36 4.64
O1B ADP B . -8.93 4.33 3.21
O2B ADP B . -7.51 5.20 5.15
O3B ADP B . -9.97 4.58 5.56
PA ADP B . -6.87 1.61 4.82
O1A ADP B . -7.33 0.70 3.72
O2A ADP B . -5.47 2.11 4.66
O3A ADP B . -8.09 2.76 5.12
O5' ADP B . -6.85 0.98 6.32
C5' ADP B . -6.41 1.65 7.57
C4' ADP B . -6.14 0.48 8.52
O4' ADP B . -7.15 -0.43 8.68
C3' ADP B . -4.93 -0.39 8.07
O3' ADP B . -3.77 0.39 7.97
C2' ADP B . -5.10 -1.42 9.15
O2' ADP B . -4.58 -1.02 10.38
C1' ADP B . -6.68 -1.69 9.12
N9 ADP B . -7.05 -2.57 7.97
C8 ADP B . -7.54 -2.24 6.71
N7 ADP B . -7.75 -3.20 5.93
C5 ADP B . -7.43 -4.30 6.70
C6 ADP B . -7.46 -5.69 6.45
N6 ADP B . -7.85 -6.21 5.27
N1 ADP B . -7.08 -6.51 7.47
C2 ADP B . -6.67 -6.03 8.67
N3 ADP B . -6.57 -4.74 9.01
C4 ADP B . -6.98 -3.91 7.96
MN MN C . -4.03 3.64 4.16
MN MN D . -8.25 5.19 1.53
#